data_4EJU
#
_entry.id   4EJU
#
_cell.length_a   106.970
_cell.length_b   106.970
_cell.length_c   45.004
_cell.angle_alpha   90.00
_cell.angle_beta   90.00
_cell.angle_gamma   120.00
#
_symmetry.space_group_name_H-M   'P 61'
#
loop_
_entity.id
_entity.type
_entity.pdbx_description
1 polymer 'Transcriptional regulator TcaR'
2 water water
#
_entity_poly.entity_id   1
_entity_poly.type   'polypeptide(L)'
_entity_poly.pdbx_seq_one_letter_code
;MVRRIEDHISFLEKFINDVNTLTAKLLKDLQTEYGISAEQSHVLNMLSIEALTVGQITEKQGVNKAAVSRRVKKLLNAEL
VKLEKPDSNTDQRLKIIKLSNKGKKYIKERKAIMSHIASDMTSDFDSKEIEKVRQVLEIIDYRIQSYTSKL
;
_entity_poly.pdbx_strand_id   A,B
#
# COMPACT_ATOMS: atom_id res chain seq x y z
N ARG A 3 19.75 -7.17 -8.03
CA ARG A 3 19.40 -7.53 -9.45
C ARG A 3 18.24 -8.51 -9.51
N ARG A 4 18.50 -9.70 -8.98
CA ARG A 4 17.53 -10.79 -8.90
C ARG A 4 16.55 -10.33 -7.86
N ILE A 5 17.09 -10.21 -6.67
CA ILE A 5 16.35 -9.80 -5.50
C ILE A 5 15.82 -8.39 -5.84
N GLU A 6 16.59 -7.61 -6.59
CA GLU A 6 16.14 -6.27 -6.97
C GLU A 6 14.91 -6.30 -7.88
N ASP A 7 14.80 -7.30 -8.72
CA ASP A 7 13.61 -7.37 -9.56
C ASP A 7 12.42 -7.90 -8.73
N HIS A 8 12.69 -8.75 -7.73
CA HIS A 8 11.61 -9.28 -6.89
C HIS A 8 10.99 -8.17 -6.06
N ILE A 9 11.86 -7.28 -5.60
CA ILE A 9 11.45 -6.16 -4.79
C ILE A 9 10.62 -5.20 -5.61
N SER A 10 11.06 -4.96 -6.84
CA SER A 10 10.34 -4.11 -7.77
C SER A 10 8.96 -4.71 -8.06
N PHE A 11 8.89 -6.03 -8.31
CA PHE A 11 7.58 -6.67 -8.55
C PHE A 11 6.68 -6.57 -7.28
N LEU A 12 7.23 -6.73 -6.08
CA LEU A 12 6.41 -6.63 -4.86
C LEU A 12 5.83 -5.22 -4.63
N GLU A 13 6.55 -4.20 -5.06
CA GLU A 13 6.05 -2.83 -4.97
C GLU A 13 4.89 -2.64 -5.96
N LYS A 14 5.08 -3.10 -7.19
CA LYS A 14 4.04 -2.98 -8.20
C LYS A 14 2.81 -3.78 -7.77
N PHE A 15 3.07 -4.94 -7.20
CA PHE A 15 1.96 -5.78 -6.76
C PHE A 15 1.11 -5.15 -5.64
N ILE A 16 1.76 -4.61 -4.61
CA ILE A 16 1.10 -3.95 -3.49
C ILE A 16 0.32 -2.71 -4.01
N ASN A 17 0.97 -1.93 -4.87
CA ASN A 17 0.37 -0.75 -5.46
C ASN A 17 -0.83 -1.18 -6.28
N ASP A 18 -0.72 -2.27 -7.01
CA ASP A 18 -1.89 -2.73 -7.77
C ASP A 18 -3.04 -3.20 -6.86
N VAL A 19 -2.74 -3.76 -5.68
CA VAL A 19 -3.82 -4.21 -4.80
C VAL A 19 -4.51 -2.96 -4.26
N ASN A 20 -3.71 -1.97 -3.89
CA ASN A 20 -4.21 -0.74 -3.36
C ASN A 20 -5.14 -0.05 -4.35
N THR A 21 -4.75 -0.05 -5.61
CA THR A 21 -5.53 0.56 -6.66
C THR A 21 -6.88 -0.14 -6.92
N LEU A 22 -6.89 -1.47 -6.82
CA LEU A 22 -8.13 -2.21 -7.01
C LEU A 22 -9.05 -1.99 -5.82
N THR A 23 -8.45 -2.01 -4.64
CA THR A 23 -9.14 -1.82 -3.41
C THR A 23 -9.89 -0.49 -3.44
N ALA A 24 -9.14 0.58 -3.66
CA ALA A 24 -9.71 1.91 -3.70
C ALA A 24 -10.94 2.03 -4.61
N LYS A 25 -10.87 1.44 -5.79
CA LYS A 25 -11.96 1.47 -6.74
C LYS A 25 -13.13 0.62 -6.32
N LEU A 26 -12.90 -0.57 -5.77
CA LEU A 26 -14.01 -1.41 -5.34
C LEU A 26 -14.70 -0.80 -4.14
N LEU A 27 -13.94 -0.05 -3.31
CA LEU A 27 -14.49 0.59 -2.11
C LEU A 27 -14.92 2.06 -2.16
N LYS A 28 -14.77 2.73 -3.30
CA LYS A 28 -15.13 4.16 -3.42
C LYS A 28 -16.58 4.45 -3.02
N ASP A 29 -17.48 3.60 -3.46
CA ASP A 29 -18.87 3.79 -3.15
C ASP A 29 -19.23 3.63 -1.68
N LEU A 30 -18.72 2.58 -1.04
CA LEU A 30 -18.96 2.29 0.36
C LEU A 30 -18.39 3.42 1.19
N GLN A 31 -17.18 3.84 0.89
CA GLN A 31 -16.57 4.94 1.63
C GLN A 31 -17.39 6.21 1.53
N THR A 32 -17.78 6.52 0.31
CA THR A 32 -18.61 7.67 0.03
C THR A 32 -19.90 7.60 0.83
N GLU A 33 -20.49 6.39 0.96
CA GLU A 33 -21.74 6.20 1.73
C GLU A 33 -21.60 6.53 3.20
N TYR A 34 -20.44 6.25 3.76
CA TYR A 34 -20.15 6.52 5.16
C TYR A 34 -19.50 7.91 5.41
N GLY A 35 -19.31 8.71 4.37
CA GLY A 35 -18.71 10.01 4.56
C GLY A 35 -17.22 10.04 4.86
N ILE A 36 -16.45 9.06 4.35
CA ILE A 36 -15.01 8.99 4.61
C ILE A 36 -14.12 8.86 3.38
N SER A 37 -12.84 9.18 3.56
CA SER A 37 -11.83 9.07 2.52
C SER A 37 -11.11 7.72 2.62
N ALA A 38 -10.36 7.37 1.60
CA ALA A 38 -9.60 6.13 1.60
C ALA A 38 -8.75 5.92 2.88
N GLU A 39 -7.99 6.94 3.25
CA GLU A 39 -7.11 6.83 4.43
C GLU A 39 -7.82 6.81 5.81
N GLN A 40 -9.03 7.34 5.84
CA GLN A 40 -9.79 7.34 7.06
C GLN A 40 -10.28 5.93 7.16
N SER A 41 -10.49 5.35 6.00
CA SER A 41 -10.95 3.97 5.87
C SER A 41 -9.84 3.01 6.34
N HIS A 42 -8.60 3.39 6.08
CA HIS A 42 -7.42 2.60 6.46
C HIS A 42 -7.32 2.45 7.96
N VAL A 43 -7.62 3.57 8.64
CA VAL A 43 -7.58 3.61 10.07
C VAL A 43 -8.59 2.63 10.57
N LEU A 44 -9.76 2.62 9.96
CA LEU A 44 -10.79 1.68 10.38
C LEU A 44 -10.37 0.21 10.22
N ASN A 45 -9.56 -0.08 9.21
CA ASN A 45 -9.10 -1.46 8.99
C ASN A 45 -8.09 -1.82 10.08
N MET A 46 -7.26 -0.87 10.51
CA MET A 46 -6.28 -1.14 11.58
C MET A 46 -6.88 -1.42 12.93
N LEU A 47 -7.99 -0.73 13.21
CA LEU A 47 -8.67 -0.87 14.49
C LEU A 47 -9.66 -2.04 14.57
N SER A 48 -9.95 -2.67 13.43
CA SER A 48 -10.85 -3.83 13.35
C SER A 48 -9.99 -5.01 13.76
N ILE A 49 -8.69 -4.74 13.80
CA ILE A 49 -7.70 -5.72 14.20
C ILE A 49 -7.52 -5.61 15.72
N GLU A 50 -7.52 -4.38 16.21
CA GLU A 50 -7.37 -4.10 17.63
C GLU A 50 -7.67 -2.62 17.96
N ALA A 51 -7.96 -2.33 19.23
CA ALA A 51 -8.25 -0.96 19.66
C ALA A 51 -6.91 -0.32 19.78
N LEU A 52 -6.78 0.95 19.39
CA LEU A 52 -5.48 1.62 19.47
C LEU A 52 -5.56 3.09 19.86
N THR A 53 -4.40 3.72 20.00
CA THR A 53 -4.33 5.14 20.34
C THR A 53 -3.62 5.80 19.15
N VAL A 54 -3.97 7.07 18.91
CA VAL A 54 -3.42 7.85 17.83
C VAL A 54 -1.92 7.64 17.71
N GLY A 55 -1.26 7.56 18.84
CA GLY A 55 0.18 7.35 18.81
C GLY A 55 0.58 6.00 18.21
N GLN A 56 -0.11 4.95 18.61
CA GLN A 56 0.21 3.60 18.12
C GLN A 56 -0.05 3.44 16.60
N ILE A 57 -1.02 4.18 16.07
CA ILE A 57 -1.30 4.06 14.66
C ILE A 57 -0.47 5.04 13.85
N THR A 58 0.10 6.05 14.49
CA THR A 58 0.89 6.99 13.70
C THR A 58 2.21 6.36 13.21
N GLU A 59 3.09 5.99 14.12
CA GLU A 59 4.35 5.41 13.63
C GLU A 59 4.21 4.05 12.91
N LYS A 60 3.10 3.35 13.14
CA LYS A 60 2.83 2.05 12.48
C LYS A 60 2.07 2.31 11.17
N GLN A 61 2.64 3.21 10.40
CA GLN A 61 2.06 3.66 9.15
C GLN A 61 3.08 4.73 8.83
N GLY A 62 3.83 5.05 9.89
CA GLY A 62 4.86 6.05 9.84
C GLY A 62 4.70 7.33 9.02
N VAL A 63 3.98 8.32 9.55
CA VAL A 63 3.88 9.61 8.86
C VAL A 63 3.70 10.73 9.87
N ASN A 64 3.62 11.94 9.35
CA ASN A 64 3.47 13.15 10.14
C ASN A 64 2.32 13.04 11.16
N LYS A 65 2.66 13.19 12.43
CA LYS A 65 1.73 13.13 13.58
C LYS A 65 0.33 13.81 13.50
N ALA A 66 0.28 15.09 13.13
CA ALA A 66 -0.98 15.84 13.02
C ALA A 66 -2.06 15.24 12.08
N ALA A 67 -1.67 14.93 10.85
CA ALA A 67 -2.57 14.37 9.84
C ALA A 67 -3.38 13.20 10.37
N VAL A 68 -2.69 12.29 11.04
CA VAL A 68 -3.36 11.14 11.61
C VAL A 68 -4.32 11.60 12.70
N SER A 69 -3.89 12.57 13.49
CA SER A 69 -4.76 13.10 14.54
C SER A 69 -6.05 13.65 13.92
N ARG A 70 -5.88 14.33 12.77
CA ARG A 70 -7.01 14.91 12.03
C ARG A 70 -8.04 13.90 11.59
N ARG A 71 -7.55 12.83 10.97
CA ARG A 71 -8.40 11.75 10.50
C ARG A 71 -9.10 10.98 11.62
N VAL A 72 -8.46 10.87 12.78
CA VAL A 72 -9.13 10.20 13.90
C VAL A 72 -10.28 11.11 14.40
N LYS A 73 -10.07 12.43 14.36
CA LYS A 73 -11.09 13.38 14.79
C LYS A 73 -12.27 13.36 13.83
N LYS A 74 -11.98 13.22 12.55
CA LYS A 74 -13.01 13.14 11.54
C LYS A 74 -13.83 11.85 11.73
N LEU A 75 -13.18 10.73 12.09
CA LEU A 75 -13.89 9.47 12.34
C LEU A 75 -14.74 9.49 13.61
N LEU A 76 -14.21 10.14 14.65
CA LEU A 76 -14.93 10.24 15.91
C LEU A 76 -16.24 10.99 15.62
N ASN A 77 -16.17 12.14 14.96
CA ASN A 77 -17.38 12.90 14.61
C ASN A 77 -18.25 12.19 13.57
N ALA A 78 -17.72 11.18 12.86
CA ALA A 78 -18.53 10.45 11.89
C ALA A 78 -19.18 9.29 12.66
N GLU A 79 -18.74 9.17 13.91
CA GLU A 79 -19.21 8.16 14.85
C GLU A 79 -18.95 6.72 14.39
N LEU A 80 -17.80 6.53 13.75
CA LEU A 80 -17.41 5.20 13.27
C LEU A 80 -16.36 4.63 14.21
N VAL A 81 -15.96 5.47 15.14
CA VAL A 81 -14.94 5.07 16.08
C VAL A 81 -15.28 5.63 17.48
N LYS A 82 -14.69 5.10 18.55
CA LYS A 82 -15.00 5.55 19.94
C LYS A 82 -13.81 5.85 20.86
N LEU A 83 -14.06 6.65 21.89
CA LEU A 83 -12.99 6.96 22.84
C LEU A 83 -13.30 6.20 24.13
N GLU A 84 -12.41 5.24 24.43
CA GLU A 84 -12.56 4.39 25.61
C GLU A 84 -11.36 4.43 26.56
N LYS A 85 -11.55 3.81 27.74
CA LYS A 85 -10.50 3.66 28.76
C LYS A 85 -10.72 2.32 29.43
N PRO A 86 -10.68 1.23 28.65
CA PRO A 86 -10.89 -0.09 29.24
C PRO A 86 -9.56 -0.49 29.90
N ASP A 87 -9.31 0.05 31.10
CA ASP A 87 -8.05 -0.23 31.79
C ASP A 87 -7.89 -1.56 32.53
N SER A 88 -6.63 -1.99 32.53
CA SER A 88 -6.12 -3.22 33.13
C SER A 88 -4.61 -3.26 32.80
N ASN A 89 -4.02 -2.07 32.62
CA ASN A 89 -2.59 -1.89 32.25
C ASN A 89 -2.09 -0.45 32.52
N THR A 90 -0.93 -0.34 33.17
CA THR A 90 -0.30 0.96 33.51
C THR A 90 -0.84 2.20 32.75
N ASP A 91 -1.64 3.01 33.45
CA ASP A 91 -2.23 4.21 32.87
C ASP A 91 -1.29 5.41 33.06
N GLN A 92 -0.99 6.11 31.96
CA GLN A 92 -0.13 7.28 32.02
C GLN A 92 -0.98 8.55 31.85
N ARG A 93 -1.57 8.69 30.67
CA ARG A 93 -2.39 9.86 30.36
C ARG A 93 -3.45 9.51 29.31
N LEU A 94 -2.96 8.79 28.32
CA LEU A 94 -3.68 8.34 27.11
C LEU A 94 -5.10 7.68 26.95
N LYS A 95 -5.62 7.98 25.75
CA LYS A 95 -6.92 7.57 25.22
C LYS A 95 -6.89 6.37 24.28
N ILE A 96 -7.79 5.41 24.51
CA ILE A 96 -7.89 4.20 23.68
C ILE A 96 -8.96 4.35 22.58
N ILE A 97 -8.56 4.25 21.32
CA ILE A 97 -9.50 4.36 20.19
C ILE A 97 -9.92 2.98 19.65
N LYS A 98 -11.22 2.74 19.59
CA LYS A 98 -11.75 1.47 19.13
C LYS A 98 -12.93 1.80 18.21
N LEU A 99 -13.49 0.79 17.53
CA LEU A 99 -14.60 0.97 16.61
C LEU A 99 -15.99 1.03 17.25
N SER A 100 -16.89 1.79 16.65
CA SER A 100 -18.26 1.92 17.17
C SER A 100 -18.95 0.78 16.45
N ASN A 101 -20.25 0.62 16.59
CA ASN A 101 -20.87 -0.48 15.87
C ASN A 101 -21.18 -0.13 14.41
N LYS A 102 -21.05 1.15 14.05
CA LYS A 102 -21.29 1.58 12.68
C LYS A 102 -19.97 1.35 11.96
N GLY A 103 -18.89 1.48 12.72
CA GLY A 103 -17.56 1.27 12.19
C GLY A 103 -17.34 -0.17 11.82
N LYS A 104 -17.86 -1.09 12.64
CA LYS A 104 -17.76 -2.54 12.39
C LYS A 104 -18.69 -2.92 11.26
N LYS A 105 -19.86 -2.32 11.19
CA LYS A 105 -20.78 -2.58 10.06
C LYS A 105 -20.06 -2.26 8.72
N TYR A 106 -19.29 -1.18 8.70
CA TYR A 106 -18.54 -0.80 7.52
C TYR A 106 -17.47 -1.84 7.20
N ILE A 107 -16.72 -2.20 8.22
CA ILE A 107 -15.69 -3.19 8.08
C ILE A 107 -16.27 -4.53 7.53
N LYS A 108 -17.48 -4.88 7.94
CA LYS A 108 -18.07 -6.09 7.38
C LYS A 108 -18.51 -5.87 5.93
N GLU A 109 -18.93 -4.65 5.59
CA GLU A 109 -19.33 -4.43 4.20
C GLU A 109 -18.08 -4.51 3.34
N ARG A 110 -16.99 -4.00 3.86
CA ARG A 110 -15.74 -3.99 3.14
C ARG A 110 -15.18 -5.45 2.96
N LYS A 111 -15.22 -6.26 4.03
CA LYS A 111 -14.73 -7.64 3.99
C LYS A 111 -15.51 -8.49 2.98
N ALA A 112 -16.83 -8.33 2.97
CA ALA A 112 -17.66 -9.08 2.05
C ALA A 112 -17.38 -8.73 0.60
N ILE A 113 -17.03 -7.48 0.35
CA ILE A 113 -16.75 -7.06 -1.00
C ILE A 113 -15.38 -7.58 -1.43
N MET A 114 -14.43 -7.57 -0.51
CA MET A 114 -13.10 -8.05 -0.80
C MET A 114 -13.06 -9.55 -0.94
N SER A 115 -13.83 -10.26 -0.14
CA SER A 115 -13.87 -11.72 -0.21
C SER A 115 -14.47 -12.29 -1.51
N HIS A 116 -15.60 -11.74 -1.95
CA HIS A 116 -16.29 -12.16 -3.18
C HIS A 116 -15.34 -12.01 -4.39
N ILE A 117 -14.69 -10.85 -4.50
CA ILE A 117 -13.76 -10.56 -5.57
C ILE A 117 -12.49 -11.42 -5.44
N ALA A 118 -11.96 -11.59 -4.24
CA ALA A 118 -10.76 -12.39 -4.09
C ALA A 118 -11.07 -13.83 -4.47
N SER A 119 -12.21 -14.32 -3.99
CA SER A 119 -12.68 -15.70 -4.24
C SER A 119 -12.83 -15.93 -5.75
N ASP A 120 -13.64 -15.09 -6.39
CA ASP A 120 -13.85 -15.19 -7.83
C ASP A 120 -12.53 -15.33 -8.61
N MET A 121 -11.61 -14.42 -8.33
CA MET A 121 -10.31 -14.45 -9.00
C MET A 121 -9.45 -15.62 -8.57
N THR A 122 -9.95 -16.45 -7.69
CA THR A 122 -9.09 -17.50 -7.18
C THR A 122 -9.71 -18.93 -7.20
N SER A 123 -10.93 -19.01 -7.69
CA SER A 123 -11.70 -20.27 -7.76
C SER A 123 -11.13 -21.40 -8.63
N ASP A 124 -10.15 -21.10 -9.46
CA ASP A 124 -9.50 -22.10 -10.29
C ASP A 124 -8.14 -22.47 -9.67
N PHE A 125 -7.82 -21.86 -8.56
CA PHE A 125 -6.54 -22.16 -8.00
C PHE A 125 -6.50 -23.41 -7.16
N ASP A 126 -5.31 -23.96 -6.99
CA ASP A 126 -5.21 -25.14 -6.18
C ASP A 126 -4.93 -24.68 -4.77
N SER A 127 -5.84 -25.07 -3.87
CA SER A 127 -5.82 -24.74 -2.45
C SER A 127 -4.48 -24.96 -1.74
N LYS A 128 -3.83 -26.07 -2.05
CA LYS A 128 -2.55 -26.42 -1.46
C LYS A 128 -1.43 -25.57 -2.05
N GLU A 129 -1.65 -25.01 -3.23
CA GLU A 129 -0.65 -24.15 -3.84
C GLU A 129 -0.71 -22.79 -3.17
N ILE A 130 -1.91 -22.32 -2.90
CA ILE A 130 -2.07 -21.02 -2.23
C ILE A 130 -1.55 -21.11 -0.80
N GLU A 131 -1.81 -22.24 -0.15
CA GLU A 131 -1.33 -22.44 1.20
C GLU A 131 0.21 -22.37 1.32
N LYS A 132 0.92 -23.01 0.39
CA LYS A 132 2.38 -23.01 0.37
C LYS A 132 2.92 -21.59 0.18
N VAL A 133 2.21 -20.81 -0.66
CA VAL A 133 2.58 -19.42 -0.97
C VAL A 133 2.40 -18.58 0.28
N ARG A 134 1.27 -18.73 0.94
CA ARG A 134 1.05 -18.03 2.18
C ARG A 134 2.11 -18.38 3.21
N GLN A 135 2.54 -19.63 3.27
CA GLN A 135 3.55 -20.00 4.24
C GLN A 135 4.83 -19.20 4.06
N VAL A 136 5.18 -19.00 2.79
CA VAL A 136 6.37 -18.28 2.46
C VAL A 136 6.21 -16.82 2.75
N LEU A 137 5.01 -16.30 2.56
CA LEU A 137 4.82 -14.88 2.88
C LEU A 137 4.68 -14.73 4.42
N GLU A 138 4.24 -15.79 5.09
CA GLU A 138 4.14 -15.72 6.53
C GLU A 138 5.52 -15.56 7.14
N ILE A 139 6.53 -16.23 6.59
CA ILE A 139 7.82 -16.06 7.19
C ILE A 139 8.45 -14.74 6.78
N ILE A 140 8.13 -14.27 5.58
CA ILE A 140 8.61 -12.96 5.18
C ILE A 140 7.94 -11.91 6.10
N ASP A 141 6.64 -11.99 6.31
CA ASP A 141 5.94 -11.07 7.20
C ASP A 141 6.59 -11.07 8.58
N TYR A 142 6.88 -12.26 9.07
CA TYR A 142 7.50 -12.46 10.38
C TYR A 142 8.85 -11.76 10.49
N ARG A 143 9.69 -11.95 9.45
CA ARG A 143 11.00 -11.33 9.41
C ARG A 143 10.95 -9.80 9.28
N ILE A 144 9.96 -9.29 8.54
CA ILE A 144 9.75 -7.86 8.37
C ILE A 144 9.36 -7.28 9.72
N GLN A 145 8.42 -7.93 10.36
CA GLN A 145 7.96 -7.53 11.69
C GLN A 145 9.09 -7.53 12.73
N SER A 146 9.83 -8.62 12.80
CA SER A 146 10.88 -8.61 13.80
C SER A 146 11.98 -7.60 13.48
N TYR A 147 12.22 -7.34 12.20
CA TYR A 147 13.26 -6.41 11.80
C TYR A 147 12.91 -4.96 12.13
N THR A 148 11.62 -4.67 12.00
CA THR A 148 11.04 -3.37 12.25
C THR A 148 11.16 -3.07 13.73
N SER A 149 10.85 -4.07 14.55
CA SER A 149 10.92 -3.91 16.00
C SER A 149 12.33 -3.55 16.46
N LYS A 150 13.32 -3.79 15.62
CA LYS A 150 14.71 -3.46 15.91
C LYS A 150 15.14 -2.18 15.18
N LEU A 151 14.14 -1.41 14.69
CA LEU A 151 14.29 -0.13 13.95
C LEU A 151 14.23 -0.15 12.40
N ILE B 5 -9.44 -19.29 4.33
CA ILE B 5 -9.43 -19.11 2.86
C ILE B 5 -10.01 -17.76 2.42
N GLU B 6 -10.13 -16.88 3.40
CA GLU B 6 -10.58 -15.48 3.29
C GLU B 6 -9.89 -14.95 4.60
N ASP B 7 -9.23 -15.86 5.30
CA ASP B 7 -8.46 -15.47 6.44
C ASP B 7 -7.23 -15.11 5.59
N HIS B 8 -7.27 -15.53 4.31
CA HIS B 8 -6.21 -15.25 3.34
C HIS B 8 -6.14 -13.77 2.99
N ILE B 9 -7.31 -13.14 2.92
CA ILE B 9 -7.43 -11.71 2.59
C ILE B 9 -6.91 -10.88 3.72
N SER B 10 -7.27 -11.30 4.92
CA SER B 10 -6.85 -10.65 6.15
C SER B 10 -5.33 -10.66 6.24
N PHE B 11 -4.72 -11.83 5.99
CA PHE B 11 -3.28 -11.95 6.05
C PHE B 11 -2.56 -11.07 5.00
N LEU B 12 -3.11 -11.01 3.79
CA LEU B 12 -2.48 -10.19 2.76
C LEU B 12 -2.58 -8.71 3.13
N GLU B 13 -3.71 -8.31 3.71
CA GLU B 13 -3.86 -6.90 4.07
C GLU B 13 -2.80 -6.57 5.13
N LYS B 14 -2.67 -7.43 6.12
CA LYS B 14 -1.68 -7.24 7.19
C LYS B 14 -0.23 -7.32 6.69
N PHE B 15 -0.01 -8.17 5.69
CA PHE B 15 1.32 -8.34 5.14
C PHE B 15 1.67 -7.05 4.38
N ILE B 16 0.67 -6.49 3.72
CA ILE B 16 0.86 -5.24 3.00
C ILE B 16 1.19 -4.08 3.93
N ASN B 17 0.51 -4.01 5.09
CA ASN B 17 0.79 -2.92 6.01
C ASN B 17 2.10 -3.07 6.70
N ASP B 18 2.56 -4.30 6.92
CA ASP B 18 3.85 -4.49 7.58
C ASP B 18 4.90 -4.04 6.59
N VAL B 19 4.75 -4.44 5.33
CA VAL B 19 5.69 -4.00 4.31
C VAL B 19 5.77 -2.46 4.30
N ASN B 20 4.61 -1.81 4.19
CA ASN B 20 4.53 -0.35 4.14
C ASN B 20 5.12 0.32 5.37
N THR B 21 4.81 -0.23 6.54
CA THR B 21 5.35 0.26 7.81
C THR B 21 6.89 0.25 7.80
N LEU B 22 7.50 -0.87 7.42
CA LEU B 22 8.95 -0.95 7.37
C LEU B 22 9.55 0.04 6.35
N THR B 23 8.91 0.15 5.19
CA THR B 23 9.36 1.03 4.13
C THR B 23 9.30 2.53 4.54
N ALA B 24 8.28 2.92 5.30
CA ALA B 24 8.13 4.29 5.79
C ALA B 24 9.26 4.50 6.79
N LYS B 25 9.56 3.44 7.55
CA LYS B 25 10.60 3.57 8.53
C LYS B 25 11.98 3.71 7.90
N LEU B 26 12.28 2.87 6.92
CA LEU B 26 13.58 2.93 6.28
C LEU B 26 13.84 4.14 5.40
N LEU B 27 12.78 4.72 4.84
CA LEU B 27 12.94 5.84 3.95
C LEU B 27 12.51 7.19 4.53
N LYS B 28 12.30 7.28 5.83
CA LYS B 28 11.89 8.56 6.40
C LYS B 28 12.90 9.66 6.04
N ASP B 29 14.17 9.43 6.36
CA ASP B 29 15.23 10.40 6.09
C ASP B 29 15.41 10.77 4.60
N LEU B 30 15.36 9.74 3.75
CA LEU B 30 15.48 9.90 2.30
C LEU B 30 14.37 10.74 1.65
N GLN B 31 13.14 10.51 2.09
CA GLN B 31 11.98 11.22 1.56
C GLN B 31 11.86 12.64 2.06
N THR B 32 12.36 12.87 3.27
CA THR B 32 12.33 14.20 3.84
C THR B 32 13.30 15.12 3.02
N GLU B 33 14.52 14.67 2.81
CA GLU B 33 15.54 15.39 2.07
C GLU B 33 15.21 15.75 0.61
N TYR B 34 14.35 14.95 0.01
CA TYR B 34 13.97 15.17 -1.36
C TYR B 34 12.69 15.98 -1.45
N GLY B 35 12.10 16.27 -0.29
CA GLY B 35 10.87 17.05 -0.22
C GLY B 35 9.60 16.28 -0.57
N ILE B 36 9.73 14.95 -0.53
CA ILE B 36 8.66 14.01 -0.87
C ILE B 36 7.67 13.54 0.25
N SER B 37 6.58 12.91 -0.16
CA SER B 37 5.62 12.34 0.77
C SER B 37 5.64 10.90 0.30
N ALA B 38 5.15 9.99 1.11
CA ALA B 38 5.14 8.57 0.76
C ALA B 38 4.35 8.20 -0.53
N GLU B 39 3.23 8.87 -0.74
CA GLU B 39 2.40 8.62 -1.91
C GLU B 39 3.05 9.06 -3.23
N GLN B 40 3.91 10.08 -3.17
CA GLN B 40 4.61 10.58 -4.35
C GLN B 40 5.77 9.69 -4.75
N SER B 41 6.35 9.01 -3.74
CA SER B 41 7.45 8.08 -3.93
C SER B 41 6.91 6.95 -4.74
N HIS B 42 5.71 6.53 -4.38
CA HIS B 42 5.03 5.43 -5.07
C HIS B 42 4.80 5.70 -6.54
N VAL B 43 4.51 6.97 -6.85
CA VAL B 43 4.32 7.38 -8.24
C VAL B 43 5.67 7.32 -8.92
N LEU B 44 6.68 7.85 -8.25
CA LEU B 44 8.05 7.84 -8.76
C LEU B 44 8.53 6.43 -8.97
N ASN B 45 8.39 5.60 -7.94
CA ASN B 45 8.82 4.22 -7.99
C ASN B 45 8.21 3.56 -9.19
N MET B 46 6.92 3.81 -9.36
CA MET B 46 6.14 3.27 -10.47
C MET B 46 6.66 3.66 -11.84
N LEU B 47 7.02 4.93 -11.98
CA LEU B 47 7.54 5.49 -13.24
C LEU B 47 8.91 4.94 -13.57
N SER B 48 9.55 4.33 -12.60
CA SER B 48 10.86 3.76 -12.83
C SER B 48 10.60 2.39 -13.47
N ILE B 49 9.44 1.81 -13.18
CA ILE B 49 9.08 0.50 -13.77
C ILE B 49 8.84 0.77 -15.27
N GLU B 50 8.07 1.81 -15.60
CA GLU B 50 7.78 2.18 -17.00
C GLU B 50 7.39 3.65 -17.24
N ALA B 51 7.68 4.16 -18.46
CA ALA B 51 7.31 5.54 -18.81
C ALA B 51 5.83 5.45 -19.00
N LEU B 52 5.08 6.38 -18.38
CA LEU B 52 3.63 6.36 -18.46
C LEU B 52 2.82 7.64 -18.81
N THR B 53 1.64 7.44 -19.38
CA THR B 53 0.75 8.56 -19.70
C THR B 53 -0.04 8.79 -18.39
N VAL B 54 -0.60 9.98 -18.19
CA VAL B 54 -1.38 10.25 -16.98
C VAL B 54 -2.63 9.37 -16.96
N GLY B 55 -3.32 9.30 -18.10
CA GLY B 55 -4.53 8.50 -18.15
C GLY B 55 -4.16 7.11 -17.71
N GLN B 56 -2.94 6.75 -18.02
CA GLN B 56 -2.38 5.45 -17.70
C GLN B 56 -2.22 5.37 -16.19
N ILE B 57 -1.48 6.35 -15.67
CA ILE B 57 -1.20 6.47 -14.23
C ILE B 57 -2.46 6.57 -13.38
N THR B 58 -3.46 7.30 -13.89
CA THR B 58 -4.74 7.46 -13.20
C THR B 58 -5.45 6.10 -13.09
N GLU B 59 -5.41 5.31 -14.16
CA GLU B 59 -6.06 4.01 -14.13
C GLU B 59 -5.22 3.02 -13.31
N LYS B 60 -3.89 3.24 -13.30
CA LYS B 60 -2.98 2.37 -12.56
C LYS B 60 -2.70 2.78 -11.10
N GLN B 61 -3.21 3.93 -10.67
CA GLN B 61 -3.06 4.37 -9.28
C GLN B 61 -4.51 4.69 -8.90
N GLY B 62 -5.33 4.82 -9.94
CA GLY B 62 -6.73 5.12 -9.81
C GLY B 62 -7.51 5.35 -8.53
N VAL B 63 -7.59 6.62 -8.11
CA VAL B 63 -8.38 7.03 -6.94
C VAL B 63 -9.03 8.21 -7.63
N ASN B 64 -9.15 9.33 -6.94
CA ASN B 64 -9.74 10.49 -7.57
C ASN B 64 -8.75 10.81 -8.66
N LYS B 65 -9.21 11.02 -9.88
CA LYS B 65 -8.30 11.33 -10.98
C LYS B 65 -7.53 12.66 -10.78
N ALA B 66 -8.23 13.68 -10.29
CA ALA B 66 -7.63 14.99 -10.05
C ALA B 66 -6.59 14.96 -8.95
N ALA B 67 -6.75 14.07 -7.98
CA ALA B 67 -5.79 13.97 -6.88
C ALA B 67 -4.49 13.32 -7.34
N VAL B 68 -4.53 12.58 -8.44
CA VAL B 68 -3.31 11.96 -8.90
C VAL B 68 -2.67 12.85 -9.97
N SER B 69 -3.52 13.67 -10.61
CA SER B 69 -3.06 14.66 -11.61
C SER B 69 -2.22 15.67 -10.86
N ARG B 70 -2.66 15.97 -9.64
CA ARG B 70 -1.99 16.91 -8.74
C ARG B 70 -0.60 16.40 -8.33
N ARG B 71 -0.54 15.13 -7.91
CA ARG B 71 0.73 14.54 -7.53
C ARG B 71 1.79 14.49 -8.64
N VAL B 72 1.39 14.33 -9.90
CA VAL B 72 2.34 14.32 -11.02
C VAL B 72 2.76 15.77 -11.35
N LYS B 73 1.82 16.71 -11.25
CA LYS B 73 2.11 18.12 -11.51
C LYS B 73 3.06 18.68 -10.46
N LYS B 74 3.04 18.10 -9.25
CA LYS B 74 3.93 18.53 -8.17
C LYS B 74 5.31 17.92 -8.35
N LEU B 75 5.35 16.74 -8.93
CA LEU B 75 6.62 16.10 -9.16
C LEU B 75 7.29 16.87 -10.29
N LEU B 76 6.51 17.45 -11.20
CA LEU B 76 7.07 18.26 -12.30
C LEU B 76 7.48 19.68 -11.77
N ASN B 77 6.69 20.22 -10.85
CA ASN B 77 7.03 21.48 -10.25
C ASN B 77 8.38 21.30 -9.51
N ALA B 78 8.60 20.10 -8.96
CA ALA B 78 9.86 19.83 -8.24
C ALA B 78 10.96 19.37 -9.17
N GLU B 79 10.58 19.09 -10.43
CA GLU B 79 11.49 18.63 -11.48
C GLU B 79 12.09 17.26 -11.18
N LEU B 80 11.32 16.46 -10.46
CA LEU B 80 11.72 15.12 -10.10
C LEU B 80 11.33 14.23 -11.26
N VAL B 81 10.44 14.77 -12.09
CA VAL B 81 9.95 14.07 -13.27
C VAL B 81 9.98 14.95 -14.52
N LYS B 82 10.21 14.31 -15.67
CA LYS B 82 10.29 15.00 -16.96
C LYS B 82 9.09 14.68 -17.83
N LEU B 83 8.60 15.67 -18.56
CA LEU B 83 7.47 15.49 -19.44
C LEU B 83 7.99 15.28 -20.86
N GLU B 84 8.41 14.04 -21.19
CA GLU B 84 8.96 13.73 -22.51
C GLU B 84 8.20 12.71 -23.34
N LYS B 85 7.32 13.22 -24.18
CA LYS B 85 6.48 12.37 -25.05
C LYS B 85 6.74 12.66 -26.53
N PRO B 86 7.99 12.50 -27.00
CA PRO B 86 8.23 12.76 -28.43
C PRO B 86 7.54 11.70 -29.29
N ASP B 87 7.41 11.97 -30.58
CA ASP B 87 6.71 11.07 -31.50
C ASP B 87 7.12 9.61 -31.84
N SER B 88 7.14 8.79 -30.79
CA SER B 88 7.38 7.34 -30.86
C SER B 88 6.06 6.96 -30.19
N ASN B 89 6.03 7.05 -28.87
CA ASN B 89 4.81 6.74 -28.14
C ASN B 89 4.26 8.08 -27.66
N THR B 90 3.20 8.51 -28.34
CA THR B 90 2.48 9.76 -28.03
C THR B 90 1.32 9.91 -29.05
N ASP B 91 0.66 11.07 -29.03
CA ASP B 91 -0.50 11.31 -29.90
C ASP B 91 -1.50 10.28 -29.39
N GLN B 92 -1.72 10.27 -28.08
CA GLN B 92 -2.64 9.34 -27.42
C GLN B 92 -3.30 9.91 -26.15
N ARG B 93 -3.68 11.19 -26.23
CA ARG B 93 -4.30 11.86 -25.09
C ARG B 93 -3.19 11.97 -24.05
N LEU B 94 -3.09 13.17 -23.47
CA LEU B 94 -2.09 13.50 -22.47
C LEU B 94 -0.62 13.27 -22.92
N LYS B 95 0.24 12.88 -21.97
CA LYS B 95 1.70 12.73 -22.22
C LYS B 95 2.49 11.43 -21.89
N ILE B 96 3.82 11.50 -22.04
CA ILE B 96 4.66 10.36 -21.63
C ILE B 96 5.60 10.95 -20.59
N ILE B 97 5.29 10.57 -19.36
CA ILE B 97 6.00 11.03 -18.18
C ILE B 97 7.12 10.07 -17.79
N LYS B 98 8.29 10.65 -17.51
CA LYS B 98 9.41 9.84 -17.06
C LYS B 98 10.28 10.59 -16.05
N LEU B 99 11.02 9.80 -15.28
CA LEU B 99 11.88 10.32 -14.25
C LEU B 99 12.94 11.21 -14.84
N SER B 100 13.41 12.18 -14.09
CA SER B 100 14.46 13.07 -14.56
C SER B 100 15.70 12.59 -13.86
N ASN B 101 16.80 13.33 -13.95
CA ASN B 101 18.03 12.89 -13.29
C ASN B 101 17.95 12.92 -11.77
N LYS B 102 17.34 13.96 -11.24
CA LYS B 102 17.16 14.08 -9.81
C LYS B 102 16.29 12.90 -9.36
N GLY B 103 15.17 12.71 -10.06
CA GLY B 103 14.25 11.64 -9.71
C GLY B 103 14.90 10.27 -9.74
N LYS B 104 15.82 10.13 -10.67
CA LYS B 104 16.58 8.91 -10.91
C LYS B 104 17.54 8.62 -9.77
N LYS B 105 18.11 9.68 -9.17
CA LYS B 105 19.01 9.52 -8.05
C LYS B 105 18.28 9.11 -6.78
N TYR B 106 17.05 9.60 -6.61
CA TYR B 106 16.20 9.25 -5.47
C TYR B 106 15.85 7.76 -5.46
N ILE B 107 15.45 7.25 -6.62
CA ILE B 107 15.10 5.84 -6.74
C ILE B 107 16.35 4.93 -6.67
N LYS B 108 17.53 5.48 -6.94
CA LYS B 108 18.75 4.70 -6.81
C LYS B 108 18.99 4.46 -5.31
N GLU B 109 18.88 5.53 -4.52
CA GLU B 109 19.06 5.42 -3.08
C GLU B 109 17.97 4.51 -2.52
N ARG B 110 16.73 4.74 -2.96
CA ARG B 110 15.61 3.91 -2.52
C ARG B 110 15.90 2.43 -2.76
N LYS B 111 16.48 2.10 -3.92
CA LYS B 111 16.79 0.70 -4.24
C LYS B 111 18.00 0.19 -3.45
N ALA B 112 18.96 1.08 -3.20
CA ALA B 112 20.13 0.73 -2.42
C ALA B 112 19.67 0.24 -1.05
N ILE B 113 18.83 1.05 -0.42
CA ILE B 113 18.33 0.71 0.92
C ILE B 113 17.51 -0.57 0.98
N MET B 114 16.53 -0.73 0.08
CA MET B 114 15.63 -1.89 0.05
C MET B 114 16.30 -3.20 -0.37
N SER B 115 17.17 -3.12 -1.35
CA SER B 115 17.84 -4.30 -1.86
C SER B 115 18.67 -5.00 -0.80
N HIS B 116 19.45 -4.24 -0.05
CA HIS B 116 20.28 -4.79 1.02
C HIS B 116 19.42 -5.48 2.10
N ILE B 117 18.32 -4.86 2.56
CA ILE B 117 17.52 -5.51 3.58
C ILE B 117 16.71 -6.70 3.07
N ALA B 118 16.16 -6.61 1.88
CA ALA B 118 15.40 -7.73 1.37
C ALA B 118 16.36 -8.96 1.28
N SER B 119 17.55 -8.71 0.73
CA SER B 119 18.62 -9.69 0.56
C SER B 119 19.02 -10.30 1.90
N ASP B 120 19.05 -9.45 2.92
CA ASP B 120 19.39 -9.87 4.29
C ASP B 120 18.35 -10.82 4.88
N MET B 121 17.09 -10.64 4.47
CA MET B 121 15.96 -11.46 4.93
C MET B 121 15.73 -12.70 4.10
N THR B 122 16.32 -12.74 2.91
CA THR B 122 16.05 -13.87 2.06
C THR B 122 17.25 -14.80 1.83
N SER B 123 18.38 -14.48 2.45
CA SER B 123 19.60 -15.25 2.28
C SER B 123 19.55 -16.77 2.47
N ASP B 124 18.67 -17.25 3.36
CA ASP B 124 18.54 -18.69 3.62
C ASP B 124 17.53 -19.25 2.63
N PHE B 125 16.90 -18.38 1.86
CA PHE B 125 15.90 -18.79 0.90
C PHE B 125 16.39 -19.50 -0.36
N ASP B 126 15.65 -20.52 -0.76
CA ASP B 126 15.90 -21.31 -1.95
C ASP B 126 15.36 -20.50 -3.12
N SER B 127 16.21 -20.15 -4.10
CA SER B 127 15.81 -19.37 -5.28
C SER B 127 14.49 -19.87 -5.90
N LYS B 128 14.46 -21.16 -6.14
CA LYS B 128 13.31 -21.87 -6.70
C LYS B 128 12.02 -21.79 -5.88
N GLU B 129 12.13 -21.73 -4.53
CA GLU B 129 10.93 -21.63 -3.69
C GLU B 129 10.36 -20.24 -3.92
N ILE B 130 11.25 -19.26 -3.97
CA ILE B 130 10.82 -17.88 -4.21
C ILE B 130 10.30 -17.62 -5.61
N GLU B 131 10.88 -18.30 -6.62
CA GLU B 131 10.45 -18.12 -8.01
C GLU B 131 9.00 -18.60 -8.15
N LYS B 132 8.72 -19.78 -7.62
CA LYS B 132 7.38 -20.34 -7.70
C LYS B 132 6.36 -19.42 -7.02
N VAL B 133 6.74 -18.83 -5.88
CA VAL B 133 5.84 -17.91 -5.17
C VAL B 133 5.58 -16.68 -6.04
N ARG B 134 6.63 -16.21 -6.70
CA ARG B 134 6.55 -15.07 -7.58
C ARG B 134 5.61 -15.35 -8.78
N GLN B 135 5.70 -16.54 -9.34
CA GLN B 135 4.87 -16.98 -10.46
C GLN B 135 3.40 -16.91 -10.15
N VAL B 136 3.02 -17.43 -8.98
CA VAL B 136 1.65 -17.38 -8.51
C VAL B 136 1.19 -15.92 -8.27
N LEU B 137 2.06 -15.06 -7.74
CA LEU B 137 1.63 -13.70 -7.51
C LEU B 137 1.58 -12.90 -8.83
N GLU B 138 2.35 -13.34 -9.79
CA GLU B 138 2.26 -12.72 -11.08
C GLU B 138 0.85 -12.98 -11.71
N ILE B 139 0.28 -14.16 -11.50
CA ILE B 139 -1.02 -14.51 -12.02
C ILE B 139 -2.08 -13.61 -11.37
N ILE B 140 -1.96 -13.50 -10.06
CA ILE B 140 -2.86 -12.68 -9.31
C ILE B 140 -2.70 -11.20 -9.64
N ASP B 141 -1.49 -10.75 -9.95
CA ASP B 141 -1.33 -9.37 -10.33
C ASP B 141 -1.97 -9.15 -11.72
N TYR B 142 -1.78 -10.15 -12.58
CA TYR B 142 -2.34 -10.11 -13.90
C TYR B 142 -3.83 -9.97 -13.77
N ARG B 143 -4.44 -10.85 -13.01
CA ARG B 143 -5.88 -10.78 -12.84
C ARG B 143 -6.38 -9.48 -12.21
N ILE B 144 -5.72 -9.02 -11.14
CA ILE B 144 -6.08 -7.78 -10.49
C ILE B 144 -6.06 -6.64 -11.54
N GLN B 145 -5.00 -6.58 -12.35
CA GLN B 145 -4.88 -5.54 -13.37
C GLN B 145 -6.04 -5.69 -14.35
N SER B 146 -6.24 -6.91 -14.81
CA SER B 146 -7.32 -7.17 -15.76
C SER B 146 -8.66 -6.68 -15.19
N TYR B 147 -8.93 -7.01 -13.92
CA TYR B 147 -10.16 -6.63 -13.23
C TYR B 147 -10.25 -5.12 -12.98
N THR B 148 -9.12 -4.51 -12.66
CA THR B 148 -9.06 -3.07 -12.40
C THR B 148 -9.38 -2.34 -13.71
N SER B 149 -8.90 -2.92 -14.81
CA SER B 149 -9.07 -2.38 -16.15
C SER B 149 -10.51 -2.05 -16.51
N LYS B 150 -11.45 -2.90 -16.09
CA LYS B 150 -12.89 -2.69 -16.36
C LYS B 150 -13.50 -1.83 -15.26
N LEU B 151 -14.57 -2.30 -14.63
CA LEU B 151 -15.18 -1.58 -13.52
C LEU B 151 -14.90 -2.43 -12.28
#